data_8AP0
#
_entry.id   8AP0
#
_cell.length_a   66.230
_cell.length_b   139.042
_cell.length_c   109.651
_cell.angle_alpha   90.000
_cell.angle_beta   90.000
_cell.angle_gamma   90.000
#
_symmetry.space_group_name_H-M   'C 2 2 21'
#
loop_
_entity.id
_entity.type
_entity.pdbx_description
1 polymer "Beta-ribofuranosylaminobenzene 5'-phosphate synthase"
2 non-polymer 1-O-pyrophosphono-5-O-phosphono-alpha-D-ribofuranose
3 non-polymer '4-azanyl-1~{H}-pyrazole-3,5-dicarboxylic acid'
4 non-polymer GLYCEROL
5 non-polymer 'POTASSIUM ION'
6 non-polymer 'MAGNESIUM ION'
7 water water
#
_entity_poly.entity_id   1
_entity_poly.type   'polypeptide(L)'
_entity_poly.pdbx_seq_one_letter_code
;MALDRPDRSGAVRVSAPARLSFTLISLDGSSLRRNGIAAMAVDRPGLTAEVREAADGIVAVTGTAEETARELAAALEALR
KLWDGPAARVDVLEALPQHSGFGSKTSTLLAVGHAYGRLCGVEPDLRELARTLGRGRVSGASTGLSAYGGFLVDGGHVNP
PDFAEAPQKYLRPSRFAQQVAPPKPVVRLDFPDWPVLVLLTHGRHLGGQEELEWFHSVAPIPAEESWRTSHLVFMGLAPA
VLEQDFDAFCAAVNEITFTGHFKQAQIAFQGDAVADVLEAGRAAPSVDAIALSVTGPACFAFTKRPEDAERWAWELKNRG
LIRDFWFTRANNQGLATTVVS
;
_entity_poly.pdbx_strand_id   AAA
#
# COMPACT_ATOMS: atom_id res chain seq x y z
N GLY A 10 7.51 -16.53 26.28
CA GLY A 10 7.93 -15.26 25.61
C GLY A 10 7.17 -15.02 24.32
N ALA A 11 7.11 -13.77 23.86
CA ALA A 11 6.44 -13.40 22.59
C ALA A 11 7.39 -12.53 21.76
N VAL A 12 7.16 -12.55 20.45
CA VAL A 12 7.83 -11.63 19.49
C VAL A 12 6.83 -10.53 19.17
N ARG A 13 7.12 -9.30 19.61
CA ARG A 13 6.26 -8.12 19.38
C ARG A 13 6.76 -7.44 18.10
N VAL A 14 5.91 -7.36 17.09
CA VAL A 14 6.25 -6.79 15.75
C VAL A 14 5.40 -5.53 15.53
N SER A 15 6.06 -4.46 15.07
CA SER A 15 5.42 -3.19 14.68
C SER A 15 5.74 -2.94 13.22
N ALA A 16 4.76 -2.52 12.43
CA ALA A 16 4.95 -2.28 10.98
C ALA A 16 4.10 -1.11 10.54
N PRO A 17 4.62 -0.31 9.57
CA PRO A 17 3.86 0.79 9.01
C PRO A 17 2.87 0.36 7.92
N ALA A 18 1.88 1.21 7.68
CA ALA A 18 0.97 1.13 6.52
C ALA A 18 1.74 1.51 5.26
N ARG A 19 1.19 1.11 4.12
CA ARG A 19 1.68 1.43 2.77
C ARG A 19 0.65 2.34 2.10
N LEU A 20 1.07 3.54 1.70
CA LEU A 20 0.25 4.43 0.84
C LEU A 20 0.78 4.32 -0.59
N SER A 21 -0.12 4.23 -1.56
CA SER A 21 0.21 4.07 -2.99
C SER A 21 -0.08 5.36 -3.72
N PHE A 22 0.87 5.85 -4.53
CA PHE A 22 0.67 7.03 -5.39
C PHE A 22 -0.06 6.58 -6.67
N THR A 23 0.47 5.57 -7.34
CA THR A 23 -0.11 5.10 -8.62
C THR A 23 0.56 3.80 -9.06
N LEU A 24 -0.18 3.00 -9.83
CA LEU A 24 0.38 1.98 -10.76
C LEU A 24 0.82 2.69 -12.04
N ILE A 25 1.85 2.16 -12.71
CA ILE A 25 2.57 2.92 -13.78
C ILE A 25 2.24 2.36 -15.17
N SER A 26 2.65 1.12 -15.47
CA SER A 26 2.70 0.59 -16.85
C SER A 26 1.55 -0.40 -17.09
N LEU A 27 0.49 0.05 -17.75
CA LEU A 27 -0.76 -0.75 -17.90
C LEU A 27 -1.28 -0.68 -19.33
N ASP A 28 -0.39 -0.58 -20.32
CA ASP A 28 -0.76 -0.50 -21.75
C ASP A 28 -0.40 -1.84 -22.39
N GLY A 29 -0.78 -2.02 -23.65
CA GLY A 29 -0.64 -3.30 -24.38
C GLY A 29 0.67 -3.44 -25.13
N SER A 30 1.59 -2.47 -25.06
CA SER A 30 2.81 -2.47 -25.92
C SER A 30 4.11 -2.37 -25.11
N SER A 31 4.07 -2.23 -23.78
CA SER A 31 5.28 -1.97 -22.94
C SER A 31 6.09 -3.25 -22.68
N LEU A 32 7.39 -3.08 -22.43
CA LEU A 32 8.34 -4.18 -22.05
C LEU A 32 7.94 -4.75 -20.70
N ARG A 33 7.38 -3.91 -19.83
CA ARG A 33 7.00 -4.28 -18.44
C ARG A 33 5.60 -3.77 -18.12
N ARG A 34 4.95 -4.42 -17.15
CA ARG A 34 3.63 -4.00 -16.62
C ARG A 34 3.78 -3.67 -15.13
N ASN A 35 2.80 -2.95 -14.61
CA ASN A 35 2.70 -2.52 -13.20
C ASN A 35 3.78 -1.47 -12.94
N GLY A 36 4.57 -1.64 -11.88
CA GLY A 36 5.34 -0.54 -11.29
C GLY A 36 4.45 0.27 -10.38
N ILE A 37 4.89 0.44 -9.15
CA ILE A 37 4.12 1.21 -8.14
C ILE A 37 5.07 2.14 -7.38
N ALA A 38 4.66 3.39 -7.21
CA ALA A 38 5.27 4.36 -6.28
C ALA A 38 4.47 4.35 -4.98
N ALA A 39 5.15 4.23 -3.84
CA ALA A 39 4.50 4.07 -2.52
C ALA A 39 5.40 4.65 -1.42
N MET A 40 4.82 4.91 -0.26
CA MET A 40 5.59 5.27 0.95
C MET A 40 4.99 4.59 2.19
N ALA A 41 5.81 4.42 3.23
CA ALA A 41 5.42 3.85 4.53
C ALA A 41 5.10 4.98 5.52
N VAL A 42 4.01 4.85 6.29
CA VAL A 42 3.63 5.81 7.35
C VAL A 42 3.36 5.06 8.66
N ASP A 43 3.53 5.73 9.78
CA ASP A 43 3.46 5.13 11.14
C ASP A 43 2.01 4.85 11.53
N ARG A 44 1.05 5.65 11.03
CA ARG A 44 -0.38 5.60 11.41
C ARG A 44 -1.23 5.68 10.15
N PRO A 45 -2.04 4.65 9.82
CA PRO A 45 -2.23 3.50 10.70
C PRO A 45 -1.02 2.56 10.77
N GLY A 46 -0.84 1.91 11.91
CA GLY A 46 0.24 0.97 12.20
C GLY A 46 -0.26 -0.42 12.55
N LEU A 47 0.59 -1.42 12.39
CA LEU A 47 0.36 -2.79 12.89
C LEU A 47 1.14 -2.98 14.19
N THR A 48 0.51 -3.53 15.22
CA THR A 48 1.21 -4.10 16.40
C THR A 48 0.65 -5.49 16.62
N ALA A 49 1.51 -6.50 16.66
CA ALA A 49 1.09 -7.90 16.85
C ALA A 49 2.09 -8.62 17.75
N GLU A 50 1.61 -9.58 18.53
CA GLU A 50 2.47 -10.44 19.39
C GLU A 50 2.25 -11.88 18.95
N VAL A 51 3.34 -12.57 18.61
CA VAL A 51 3.32 -13.99 18.17
C VAL A 51 3.93 -14.82 19.30
N ARG A 52 3.24 -15.87 19.73
CA ARG A 52 3.83 -16.79 20.72
C ARG A 52 3.45 -18.22 20.35
N GLU A 53 4.16 -19.19 20.95
CA GLU A 53 3.89 -20.65 20.82
C GLU A 53 2.49 -20.93 21.38
N ALA A 54 1.64 -21.60 20.60
CA ALA A 54 0.32 -22.10 21.05
C ALA A 54 0.54 -23.42 21.81
N ALA A 55 0.25 -23.43 23.12
CA ALA A 55 0.48 -24.57 24.03
C ALA A 55 -0.27 -25.83 23.53
N ASP A 56 -1.43 -25.66 22.92
CA ASP A 56 -2.30 -26.78 22.48
C ASP A 56 -1.99 -27.16 21.02
N GLY A 57 -0.94 -26.58 20.42
CA GLY A 57 -0.55 -26.88 19.04
C GLY A 57 -1.63 -26.49 18.02
N ILE A 58 -2.52 -25.56 18.36
CA ILE A 58 -3.59 -25.08 17.43
C ILE A 58 -3.27 -23.65 17.02
N VAL A 59 -3.12 -23.40 15.71
CA VAL A 59 -2.92 -22.05 15.16
C VAL A 59 -4.14 -21.20 15.52
N ALA A 60 -3.92 -20.03 16.13
CA ALA A 60 -4.97 -19.11 16.59
C ALA A 60 -4.57 -17.70 16.18
N VAL A 61 -5.54 -16.94 15.66
CA VAL A 61 -5.39 -15.50 15.26
C VAL A 61 -6.51 -14.70 15.93
N THR A 62 -6.21 -13.56 16.53
CA THR A 62 -7.26 -12.62 17.01
CA THR A 62 -7.20 -12.61 17.11
C THR A 62 -6.87 -11.19 16.63
N GLY A 63 -7.87 -10.32 16.55
CA GLY A 63 -7.68 -8.86 16.42
C GLY A 63 -7.90 -8.34 15.01
N THR A 64 -8.23 -9.18 14.04
CA THR A 64 -8.37 -8.73 12.62
C THR A 64 -9.77 -9.06 12.10
N ALA A 65 -10.13 -8.47 10.96
CA ALA A 65 -11.30 -8.86 10.15
C ALA A 65 -11.14 -10.34 9.75
N GLU A 66 -12.27 -10.95 9.40
CA GLU A 66 -12.40 -12.41 9.14
C GLU A 66 -11.44 -12.82 8.01
N GLU A 67 -11.47 -12.10 6.88
CA GLU A 67 -10.70 -12.47 5.66
C GLU A 67 -9.19 -12.53 6.00
N THR A 68 -8.68 -11.50 6.67
CA THR A 68 -7.26 -11.43 7.10
C THR A 68 -6.97 -12.54 8.11
N ALA A 69 -7.88 -12.82 9.04
CA ALA A 69 -7.67 -13.83 10.11
C ALA A 69 -7.47 -15.20 9.47
N ARG A 70 -8.26 -15.52 8.44
CA ARG A 70 -8.22 -16.81 7.70
C ARG A 70 -6.87 -16.93 6.98
N GLU A 71 -6.45 -15.89 6.25
CA GLU A 71 -5.18 -15.93 5.47
C GLU A 71 -3.99 -15.96 6.44
N LEU A 72 -4.08 -15.28 7.58
CA LEU A 72 -3.00 -15.32 8.61
C LEU A 72 -2.87 -16.73 9.19
N ALA A 73 -3.99 -17.38 9.51
CA ALA A 73 -4.02 -18.77 10.01
C ALA A 73 -3.36 -19.68 8.97
N ALA A 74 -3.78 -19.56 7.70
CA ALA A 74 -3.26 -20.37 6.56
C ALA A 74 -1.75 -20.14 6.41
N ALA A 75 -1.30 -18.89 6.48
CA ALA A 75 0.12 -18.53 6.40
C ALA A 75 0.89 -19.20 7.55
N LEU A 76 0.38 -19.12 8.78
CA LEU A 76 1.09 -19.67 9.96
C LEU A 76 1.14 -21.21 9.89
N GLU A 77 0.14 -21.83 9.26
CA GLU A 77 0.12 -23.30 9.02
C GLU A 77 1.20 -23.65 7.99
N ALA A 78 1.19 -22.98 6.84
CA ALA A 78 2.17 -23.17 5.74
C ALA A 78 3.60 -23.01 6.29
N LEU A 79 3.85 -21.98 7.11
CA LEU A 79 5.21 -21.66 7.64
C LEU A 79 5.60 -22.64 8.74
N ARG A 80 4.63 -23.12 9.51
CA ARG A 80 4.84 -24.17 10.54
C ARG A 80 5.51 -25.38 9.87
N LYS A 81 4.98 -25.80 8.72
CA LYS A 81 5.47 -26.95 7.91
C LYS A 81 6.85 -26.61 7.33
N LEU A 82 6.95 -25.48 6.61
CA LEU A 82 8.18 -25.05 5.89
C LEU A 82 9.39 -25.00 6.84
N TRP A 83 9.20 -24.50 8.07
CA TRP A 83 10.31 -24.22 9.03
C TRP A 83 10.34 -25.24 10.16
N ASP A 84 9.51 -26.30 10.09
CA ASP A 84 9.39 -27.35 11.12
C ASP A 84 9.33 -26.68 12.51
N GLY A 85 8.39 -25.76 12.68
CA GLY A 85 8.26 -24.95 13.90
C GLY A 85 6.98 -25.26 14.66
N PRO A 86 6.76 -24.64 15.83
CA PRO A 86 5.53 -24.85 16.59
C PRO A 86 4.31 -24.14 15.98
N ALA A 87 3.10 -24.60 16.36
CA ALA A 87 1.84 -23.88 16.14
C ALA A 87 1.99 -22.52 16.84
N ALA A 88 1.54 -21.46 16.18
CA ALA A 88 1.66 -20.09 16.71
C ALA A 88 0.27 -19.52 16.96
N ARG A 89 0.14 -18.77 18.05
CA ARG A 89 -0.99 -17.83 18.23
C ARG A 89 -0.47 -16.41 17.96
N VAL A 90 -1.19 -15.67 17.13
CA VAL A 90 -0.91 -14.23 16.90
C VAL A 90 -2.09 -13.43 17.46
N ASP A 91 -1.79 -12.53 18.38
CA ASP A 91 -2.74 -11.50 18.87
C ASP A 91 -2.38 -10.20 18.15
N VAL A 92 -3.19 -9.79 17.17
CA VAL A 92 -3.03 -8.49 16.48
C VAL A 92 -3.65 -7.42 17.39
N LEU A 93 -2.80 -6.72 18.17
CA LEU A 93 -3.22 -5.73 19.18
C LEU A 93 -3.68 -4.46 18.46
N GLU A 94 -3.12 -4.16 17.29
CA GLU A 94 -3.51 -3.00 16.46
C GLU A 94 -3.47 -3.46 15.00
N ALA A 95 -4.62 -3.51 14.34
CA ALA A 95 -4.78 -4.02 12.97
C ALA A 95 -4.73 -2.85 11.99
N LEU A 96 -4.09 -3.04 10.85
CA LEU A 96 -4.21 -2.11 9.70
C LEU A 96 -5.61 -2.26 9.12
N PRO A 97 -6.35 -1.17 8.88
CA PRO A 97 -7.68 -1.26 8.28
C PRO A 97 -7.67 -2.02 6.95
N GLN A 98 -8.52 -3.04 6.86
CA GLN A 98 -8.58 -3.96 5.71
C GLN A 98 -9.23 -3.26 4.51
N HIS A 99 -8.67 -3.45 3.31
CA HIS A 99 -9.22 -3.02 2.01
C HIS A 99 -9.52 -1.52 2.03
N SER A 100 -8.61 -0.72 2.60
CA SER A 100 -8.78 0.75 2.78
C SER A 100 -7.66 1.56 2.08
N GLY A 101 -6.74 0.90 1.38
CA GLY A 101 -5.63 1.56 0.65
C GLY A 101 -4.36 1.63 1.47
N PHE A 102 -4.24 0.83 2.55
CA PHE A 102 -3.09 0.81 3.48
C PHE A 102 -2.18 -0.42 3.27
N GLY A 103 -2.43 -1.22 2.22
CA GLY A 103 -1.71 -2.48 1.98
C GLY A 103 -1.74 -3.39 3.20
N SER A 104 -2.90 -3.51 3.85
CA SER A 104 -2.99 -4.21 5.17
C SER A 104 -2.54 -5.66 5.03
N LYS A 105 -2.98 -6.36 3.99
CA LYS A 105 -2.85 -7.85 3.96
C LYS A 105 -1.36 -8.22 3.81
N THR A 106 -0.70 -7.67 2.78
CA THR A 106 0.75 -7.94 2.56
C THR A 106 1.52 -7.49 3.80
N SER A 107 1.28 -6.27 4.29
CA SER A 107 2.06 -5.72 5.43
C SER A 107 1.85 -6.61 6.66
N THR A 108 0.64 -7.11 6.89
CA THR A 108 0.33 -7.92 8.09
C THR A 108 0.94 -9.32 7.94
N LEU A 109 0.77 -9.94 6.78
CA LEU A 109 1.33 -11.30 6.50
C LEU A 109 2.85 -11.28 6.70
N LEU A 110 3.53 -10.27 6.17
CA LEU A 110 5.02 -10.23 6.24
C LEU A 110 5.45 -9.96 7.69
N ALA A 111 4.79 -9.05 8.40
CA ALA A 111 5.16 -8.72 9.80
C ALA A 111 4.98 -9.97 10.68
N VAL A 112 3.82 -10.64 10.55
CA VAL A 112 3.49 -11.80 11.42
C VAL A 112 4.40 -12.96 11.02
N GLY A 113 4.55 -13.20 9.71
CA GLY A 113 5.48 -14.21 9.17
C GLY A 113 6.89 -13.99 9.68
N HIS A 114 7.37 -12.74 9.68
CA HIS A 114 8.73 -12.39 10.15
C HIS A 114 8.83 -12.72 11.64
N ALA A 115 7.83 -12.29 12.42
CA ALA A 115 7.79 -12.51 13.89
C ALA A 115 7.77 -14.02 14.19
N TYR A 116 6.96 -14.78 13.45
CA TYR A 116 6.92 -16.26 13.57
C TYR A 116 8.30 -16.83 13.24
N GLY A 117 8.92 -16.34 12.14
CA GLY A 117 10.32 -16.67 11.80
C GLY A 117 11.21 -16.52 13.02
N ARG A 118 11.15 -15.34 13.66
CA ARG A 118 12.00 -15.00 14.82
C ARG A 118 11.76 -16.02 15.94
N LEU A 119 10.50 -16.41 16.16
CA LEU A 119 10.11 -17.44 17.16
C LEU A 119 10.84 -18.75 16.84
N CYS A 120 10.86 -19.14 15.56
CA CYS A 120 11.45 -20.42 15.05
C CYS A 120 12.98 -20.35 14.96
N GLY A 121 13.60 -19.18 15.18
CA GLY A 121 15.06 -19.00 15.04
C GLY A 121 15.49 -18.83 13.59
N VAL A 122 14.56 -18.44 12.70
CA VAL A 122 14.79 -18.12 11.26
C VAL A 122 14.67 -16.59 11.06
N GLU A 123 15.41 -16.04 10.12
CA GLU A 123 15.30 -14.61 9.69
C GLU A 123 14.98 -14.62 8.20
N PRO A 124 13.68 -14.68 7.82
CA PRO A 124 13.31 -14.91 6.43
C PRO A 124 13.59 -13.68 5.56
N ASP A 125 14.02 -13.91 4.32
CA ASP A 125 14.00 -12.87 3.26
C ASP A 125 12.54 -12.48 3.05
N LEU A 126 12.19 -11.21 3.32
CA LEU A 126 10.78 -10.75 3.31
C LEU A 126 10.21 -10.85 1.89
N ARG A 127 11.03 -10.60 0.87
CA ARG A 127 10.55 -10.70 -0.53
C ARG A 127 10.24 -12.18 -0.84
N GLU A 128 11.10 -13.11 -0.39
CA GLU A 128 10.90 -14.55 -0.63
C GLU A 128 9.67 -15.01 0.16
N LEU A 129 9.50 -14.51 1.38
CA LEU A 129 8.30 -14.81 2.20
C LEU A 129 7.05 -14.29 1.48
N ALA A 130 7.08 -13.09 0.91
CA ALA A 130 5.95 -12.54 0.11
C ALA A 130 5.62 -13.52 -1.03
N ARG A 131 6.65 -14.05 -1.70
CA ARG A 131 6.44 -15.02 -2.82
C ARG A 131 5.75 -16.27 -2.26
N THR A 132 6.27 -16.82 -1.15
CA THR A 132 5.71 -18.01 -0.46
C THR A 132 4.21 -17.80 -0.19
N LEU A 133 3.80 -16.58 0.19
CA LEU A 133 2.40 -16.29 0.62
C LEU A 133 1.58 -15.71 -0.54
N GLY A 134 2.08 -15.75 -1.78
CA GLY A 134 1.31 -15.41 -3.00
C GLY A 134 1.12 -13.90 -3.16
N ARG A 135 1.96 -13.11 -2.50
CA ARG A 135 1.90 -11.62 -2.61
C ARG A 135 2.81 -11.17 -3.78
N GLY A 136 2.54 -9.98 -4.30
CA GLY A 136 3.46 -9.31 -5.24
C GLY A 136 3.18 -9.62 -6.69
N ARG A 137 1.96 -10.02 -7.07
CA ARG A 137 1.63 -10.35 -8.48
C ARG A 137 1.30 -9.07 -9.25
N VAL A 138 1.11 -7.96 -8.54
CA VAL A 138 0.97 -6.61 -9.16
C VAL A 138 1.96 -5.66 -8.48
N SER A 139 1.90 -5.56 -7.14
CA SER A 139 2.61 -4.55 -6.33
C SER A 139 3.72 -5.20 -5.51
N GLY A 140 4.94 -4.64 -5.58
CA GLY A 140 6.03 -4.94 -4.63
C GLY A 140 6.14 -3.89 -3.54
N ALA A 141 5.15 -3.01 -3.43
CA ALA A 141 5.15 -1.84 -2.51
C ALA A 141 5.17 -2.29 -1.05
N SER A 142 4.12 -2.96 -0.55
CA SER A 142 4.11 -3.38 0.87
C SER A 142 5.30 -4.30 1.14
N THR A 143 5.66 -5.15 0.17
CA THR A 143 6.79 -6.12 0.32
C THR A 143 8.10 -5.35 0.55
N GLY A 144 8.40 -4.39 -0.32
CA GLY A 144 9.64 -3.58 -0.20
C GLY A 144 9.64 -2.72 1.05
N LEU A 145 8.52 -2.07 1.35
CA LEU A 145 8.42 -1.13 2.49
C LEU A 145 8.48 -1.88 3.82
N SER A 146 8.01 -3.13 3.87
CA SER A 146 8.18 -3.98 5.09
C SER A 146 9.68 -4.10 5.42
N ALA A 147 10.53 -4.29 4.40
CA ALA A 147 11.99 -4.50 4.57
C ALA A 147 12.71 -3.17 4.83
N TYR A 148 12.33 -2.08 4.13
CA TYR A 148 13.19 -0.86 4.02
C TYR A 148 12.50 0.40 4.53
N GLY A 149 11.16 0.44 4.53
CA GLY A 149 10.41 1.68 4.79
C GLY A 149 10.73 2.75 3.75
N GLY A 150 10.32 3.97 4.03
CA GLY A 150 10.64 5.15 3.20
C GLY A 150 9.70 5.30 2.02
N PHE A 151 10.27 5.71 0.90
CA PHE A 151 9.59 5.92 -0.39
C PHE A 151 10.24 4.95 -1.37
N LEU A 152 9.45 4.24 -2.16
CA LEU A 152 10.00 3.28 -3.14
C LEU A 152 9.16 3.28 -4.40
N VAL A 153 9.82 2.97 -5.51
CA VAL A 153 9.16 2.67 -6.80
C VAL A 153 9.74 1.33 -7.24
N ASP A 154 8.86 0.34 -7.43
CA ASP A 154 9.32 -0.99 -7.87
C ASP A 154 9.24 -1.02 -9.40
N GLY A 155 9.88 -2.00 -10.01
CA GLY A 155 10.06 -2.09 -11.47
C GLY A 155 8.97 -2.91 -12.15
N GLY A 156 7.92 -3.31 -11.43
CA GLY A 156 6.87 -4.16 -12.02
C GLY A 156 7.43 -5.46 -12.57
N HIS A 157 6.81 -5.95 -13.63
CA HIS A 157 7.00 -7.33 -14.13
C HIS A 157 7.28 -7.31 -15.63
N VAL A 158 8.28 -8.06 -16.07
CA VAL A 158 8.59 -8.17 -17.52
C VAL A 158 7.38 -8.87 -18.17
N ASN A 159 6.92 -8.33 -19.30
CA ASN A 159 5.80 -8.88 -20.11
C ASN A 159 6.32 -10.02 -20.98
N PRO A 160 5.78 -11.24 -20.87
CA PRO A 160 6.23 -12.36 -21.68
C PRO A 160 5.88 -12.20 -23.16
N PRO A 161 6.47 -13.03 -24.06
CA PRO A 161 6.24 -12.89 -25.50
C PRO A 161 4.75 -12.89 -25.91
N ASP A 162 3.89 -13.59 -25.17
CA ASP A 162 2.45 -13.73 -25.54
C ASP A 162 1.64 -12.55 -24.98
N PHE A 163 2.29 -11.54 -24.38
CA PHE A 163 1.57 -10.42 -23.74
C PHE A 163 0.76 -9.63 -24.78
N ALA A 164 1.39 -9.21 -25.87
CA ALA A 164 0.85 -8.23 -26.84
C ALA A 164 -0.46 -8.72 -27.45
N GLU A 165 -0.59 -10.02 -27.72
CA GLU A 165 -1.75 -10.59 -28.45
C GLU A 165 -3.00 -10.59 -27.55
N ALA A 166 -2.84 -10.66 -26.22
CA ALA A 166 -3.96 -10.65 -25.24
C ALA A 166 -3.48 -10.07 -23.91
N PRO A 167 -3.31 -8.74 -23.80
CA PRO A 167 -2.75 -8.14 -22.60
C PRO A 167 -3.57 -8.36 -21.32
N GLN A 168 -4.88 -8.59 -21.46
CA GLN A 168 -5.82 -8.73 -20.30
C GLN A 168 -5.55 -10.06 -19.55
N LYS A 169 -4.77 -10.97 -20.13
CA LYS A 169 -4.26 -12.17 -19.40
C LYS A 169 -3.40 -11.72 -18.21
N TYR A 170 -2.66 -10.61 -18.34
CA TYR A 170 -1.66 -10.19 -17.33
C TYR A 170 -2.09 -8.91 -16.61
N LEU A 171 -2.77 -8.00 -17.31
CA LEU A 171 -3.24 -6.70 -16.77
C LEU A 171 -4.52 -6.97 -15.97
N ARG A 172 -4.36 -7.30 -14.70
CA ARG A 172 -5.43 -7.69 -13.78
C ARG A 172 -5.14 -7.16 -12.38
N PRO A 173 -6.18 -7.02 -11.53
CA PRO A 173 -5.98 -6.78 -10.10
C PRO A 173 -5.19 -7.94 -9.47
N SER A 174 -4.59 -7.69 -8.32
CA SER A 174 -3.74 -8.66 -7.57
C SER A 174 -4.44 -10.03 -7.47
N ARG A 175 -5.73 -10.04 -7.16
CA ARG A 175 -6.47 -11.29 -6.85
C ARG A 175 -6.48 -12.23 -8.06
N PHE A 176 -6.50 -11.68 -9.28
CA PHE A 176 -6.68 -12.43 -10.55
C PHE A 176 -5.39 -12.47 -11.37
N ALA A 177 -4.31 -11.83 -10.92
CA ALA A 177 -3.04 -11.71 -11.66
C ALA A 177 -2.33 -13.07 -11.74
N GLN A 178 -1.54 -13.26 -12.80
CA GLN A 178 -0.74 -14.48 -13.04
C GLN A 178 0.30 -14.63 -11.91
N GLN A 179 0.66 -15.87 -11.58
CA GLN A 179 1.71 -16.18 -10.58
C GLN A 179 3.06 -15.68 -11.11
N VAL A 180 3.72 -14.85 -10.32
CA VAL A 180 5.05 -14.25 -10.62
C VAL A 180 5.65 -13.89 -9.26
N ALA A 181 6.96 -13.70 -9.22
CA ALA A 181 7.68 -13.22 -8.02
C ALA A 181 7.35 -11.74 -7.80
N PRO A 182 7.45 -11.23 -6.56
CA PRO A 182 7.27 -9.81 -6.29
C PRO A 182 8.32 -8.96 -7.03
N PRO A 183 7.97 -7.77 -7.55
CA PRO A 183 8.97 -6.86 -8.09
C PRO A 183 9.94 -6.42 -6.99
N LYS A 184 11.12 -5.97 -7.41
CA LYS A 184 12.15 -5.40 -6.51
C LYS A 184 12.09 -3.88 -6.65
N PRO A 185 12.56 -3.13 -5.64
CA PRO A 185 12.58 -1.67 -5.71
C PRO A 185 13.69 -1.11 -6.63
N VAL A 186 13.30 -0.42 -7.71
CA VAL A 186 14.18 0.34 -8.64
C VAL A 186 14.65 1.63 -7.93
N VAL A 187 13.75 2.25 -7.17
CA VAL A 187 13.99 3.47 -6.35
C VAL A 187 13.65 3.14 -4.89
N ARG A 188 14.57 3.37 -3.96
CA ARG A 188 14.28 3.35 -2.52
C ARG A 188 15.04 4.50 -1.86
N LEU A 189 14.30 5.41 -1.22
CA LEU A 189 14.82 6.66 -0.60
C LEU A 189 14.22 6.81 0.81
N ASP A 190 14.95 7.44 1.73
CA ASP A 190 14.35 8.01 2.95
C ASP A 190 13.33 9.06 2.52
N PHE A 191 12.16 9.07 3.14
CA PHE A 191 11.18 10.15 2.93
C PHE A 191 11.62 11.33 3.80
N PRO A 192 11.52 12.59 3.32
CA PRO A 192 11.88 13.74 4.14
C PRO A 192 10.99 13.86 5.39
N ASP A 193 11.43 14.65 6.35
CA ASP A 193 10.78 14.79 7.69
C ASP A 193 9.60 15.74 7.54
N TRP A 194 8.71 15.45 6.59
CA TRP A 194 7.43 16.15 6.31
C TRP A 194 6.29 15.38 6.95
N PRO A 195 5.31 16.06 7.58
CA PRO A 195 4.11 15.39 8.08
C PRO A 195 3.16 14.99 6.93
N VAL A 196 2.38 13.93 7.15
CA VAL A 196 1.38 13.40 6.19
C VAL A 196 0.01 13.48 6.84
N LEU A 197 -0.96 14.09 6.17
CA LEU A 197 -2.37 14.16 6.65
C LEU A 197 -3.13 12.98 6.03
N VAL A 198 -3.62 12.06 6.86
CA VAL A 198 -4.45 10.92 6.36
C VAL A 198 -5.92 11.28 6.58
N LEU A 199 -6.73 11.14 5.52
CA LEU A 199 -8.18 11.38 5.50
C LEU A 199 -8.87 10.05 5.19
N LEU A 200 -9.82 9.62 6.02
CA LEU A 200 -10.67 8.45 5.72
C LEU A 200 -11.96 8.96 5.10
N THR A 201 -12.16 8.76 3.80
CA THR A 201 -13.35 9.23 3.05
C THR A 201 -14.50 8.23 3.25
N HIS A 202 -15.65 8.52 2.64
CA HIS A 202 -16.84 7.63 2.61
C HIS A 202 -16.77 6.70 1.38
N GLY A 203 -15.61 6.55 0.75
CA GLY A 203 -15.46 5.61 -0.38
C GLY A 203 -15.85 4.19 0.02
N ARG A 204 -16.36 3.40 -0.94
CA ARG A 204 -16.83 2.00 -0.70
C ARG A 204 -15.68 1.01 -0.92
N HIS A 205 -15.81 -0.19 -0.33
CA HIS A 205 -14.94 -1.36 -0.61
C HIS A 205 -15.47 -2.06 -1.87
N LEU A 206 -14.59 -2.42 -2.81
CA LEU A 206 -14.98 -3.08 -4.09
C LEU A 206 -15.18 -4.58 -3.87
N GLY A 207 -16.07 -5.20 -4.64
CA GLY A 207 -16.14 -6.67 -4.81
C GLY A 207 -15.08 -7.16 -5.78
N GLY A 208 -14.60 -8.40 -5.62
CA GLY A 208 -13.59 -9.01 -6.51
C GLY A 208 -14.02 -8.99 -7.98
N GLN A 209 -15.23 -9.43 -8.28
CA GLN A 209 -15.75 -9.52 -9.68
C GLN A 209 -16.01 -8.09 -10.21
N GLU A 210 -16.49 -7.20 -9.35
CA GLU A 210 -16.74 -5.77 -9.65
C GLU A 210 -15.40 -5.13 -10.07
N GLU A 211 -14.35 -5.37 -9.29
CA GLU A 211 -13.00 -4.80 -9.52
C GLU A 211 -12.41 -5.37 -10.83
N LEU A 212 -12.48 -6.70 -11.02
CA LEU A 212 -11.94 -7.34 -12.24
C LEU A 212 -12.63 -6.75 -13.48
N GLU A 213 -13.96 -6.60 -13.48
CA GLU A 213 -14.69 -6.07 -14.67
C GLU A 213 -14.31 -4.60 -14.89
N TRP A 214 -14.19 -3.84 -13.81
CA TRP A 214 -13.79 -2.41 -13.91
C TRP A 214 -12.38 -2.35 -14.51
N PHE A 215 -11.45 -3.14 -13.98
CA PHE A 215 -10.02 -3.15 -14.40
C PHE A 215 -9.91 -3.44 -15.90
N HIS A 216 -10.64 -4.45 -16.41
CA HIS A 216 -10.65 -4.81 -17.85
C HIS A 216 -11.34 -3.72 -18.69
N SER A 217 -12.17 -2.87 -18.10
CA SER A 217 -12.82 -1.72 -18.79
C SER A 217 -11.82 -0.56 -18.95
N VAL A 218 -10.72 -0.53 -18.18
CA VAL A 218 -9.79 0.62 -18.23
CA VAL A 218 -9.75 0.60 -18.15
C VAL A 218 -8.44 0.18 -18.83
N ALA A 219 -7.92 -1.00 -18.47
CA ALA A 219 -6.65 -1.55 -18.98
C ALA A 219 -6.93 -2.54 -20.12
N PRO A 220 -6.17 -2.50 -21.25
CA PRO A 220 -4.96 -1.67 -21.38
C PRO A 220 -5.22 -0.18 -21.62
N ILE A 221 -4.48 0.67 -20.91
CA ILE A 221 -4.55 2.16 -21.06
C ILE A 221 -3.71 2.53 -22.27
N PRO A 222 -3.85 3.76 -22.81
CA PRO A 222 -3.04 4.20 -23.94
C PRO A 222 -1.55 4.15 -23.58
N ALA A 223 -0.71 3.75 -24.55
CA ALA A 223 0.77 3.67 -24.38
C ALA A 223 1.28 5.00 -23.83
N GLU A 224 0.87 6.12 -24.43
CA GLU A 224 1.35 7.48 -24.07
CA GLU A 224 1.33 7.49 -24.07
C GLU A 224 1.05 7.78 -22.59
N GLU A 225 -0.06 7.26 -22.05
CA GLU A 225 -0.42 7.50 -20.63
C GLU A 225 0.50 6.70 -19.71
N SER A 226 0.86 5.46 -20.06
CA SER A 226 1.88 4.69 -19.31
C SER A 226 3.16 5.52 -19.27
N TRP A 227 3.60 5.99 -20.43
CA TRP A 227 4.89 6.74 -20.54
C TRP A 227 4.83 7.98 -19.63
N ARG A 228 3.76 8.76 -19.75
CA ARG A 228 3.58 10.01 -18.95
C ARG A 228 3.58 9.67 -17.46
N THR A 229 3.02 8.53 -17.07
CA THR A 229 2.98 8.12 -15.64
C THR A 229 4.40 7.80 -15.18
N SER A 230 5.21 7.09 -15.99
CA SER A 230 6.63 6.83 -15.65
C SER A 230 7.31 8.18 -15.44
N HIS A 231 7.03 9.11 -16.33
CA HIS A 231 7.67 10.45 -16.35
C HIS A 231 7.35 11.18 -15.04
N LEU A 232 6.08 11.20 -14.64
CA LEU A 232 5.63 11.91 -13.41
C LEU A 232 6.23 11.24 -12.17
N VAL A 233 6.35 9.91 -12.19
CA VAL A 233 6.86 9.19 -10.99
C VAL A 233 8.39 9.33 -10.89
N PHE A 234 9.10 8.94 -11.95
CA PHE A 234 10.58 8.80 -11.89
C PHE A 234 11.27 10.15 -12.14
N MET A 235 10.66 11.04 -12.94
CA MET A 235 11.23 12.39 -13.26
C MET A 235 10.34 13.50 -12.69
N GLY A 236 9.60 13.22 -11.62
CA GLY A 236 8.80 14.21 -10.87
C GLY A 236 8.81 13.88 -9.40
N LEU A 237 8.12 12.81 -9.01
CA LEU A 237 7.96 12.41 -7.57
CA LEU A 237 7.96 12.45 -7.58
C LEU A 237 9.32 12.07 -6.98
N ALA A 238 10.03 11.13 -7.61
CA ALA A 238 11.22 10.50 -6.98
C ALA A 238 12.35 11.51 -6.79
N PRO A 239 12.71 12.34 -7.80
CA PRO A 239 13.77 13.34 -7.60
C PRO A 239 13.42 14.36 -6.50
N ALA A 240 12.15 14.76 -6.41
CA ALA A 240 11.68 15.73 -5.38
C ALA A 240 11.83 15.11 -3.99
N VAL A 241 11.55 13.80 -3.83
CA VAL A 241 11.80 13.10 -2.54
C VAL A 241 13.30 13.10 -2.24
N LEU A 242 14.11 12.67 -3.20
CA LEU A 242 15.59 12.57 -3.06
C LEU A 242 16.17 13.93 -2.65
N GLU A 243 15.70 15.02 -3.25
CA GLU A 243 16.24 16.39 -3.03
C GLU A 243 15.49 17.12 -1.92
N GLN A 244 14.47 16.51 -1.32
CA GLN A 244 13.66 17.09 -0.21
C GLN A 244 13.15 18.45 -0.65
N ASP A 245 12.60 18.50 -1.85
CA ASP A 245 12.05 19.70 -2.51
C ASP A 245 10.52 19.64 -2.40
N PHE A 246 9.95 20.31 -1.40
CA PHE A 246 8.53 20.18 -1.03
C PHE A 246 7.65 20.66 -2.19
N ASP A 247 7.92 21.83 -2.77
CA ASP A 247 7.08 22.40 -3.86
C ASP A 247 7.13 21.48 -5.10
N ALA A 248 8.30 20.95 -5.45
CA ALA A 248 8.47 20.03 -6.60
C ALA A 248 7.66 18.75 -6.33
N PHE A 249 7.78 18.20 -5.12
CA PHE A 249 7.05 16.98 -4.67
C PHE A 249 5.54 17.20 -4.84
N CYS A 250 5.01 18.29 -4.31
CA CYS A 250 3.55 18.59 -4.36
C CYS A 250 3.08 18.76 -5.81
N ALA A 251 3.87 19.37 -6.70
CA ALA A 251 3.47 19.54 -8.11
C ALA A 251 3.29 18.16 -8.77
N ALA A 252 4.19 17.22 -8.46
CA ALA A 252 4.18 15.86 -9.04
C ALA A 252 2.99 15.07 -8.48
N VAL A 253 2.80 15.14 -7.16
CA VAL A 253 1.64 14.45 -6.48
C VAL A 253 0.35 14.95 -7.15
N ASN A 254 0.16 16.26 -7.27
CA ASN A 254 -1.09 16.85 -7.82
C ASN A 254 -1.26 16.44 -9.29
N GLU A 255 -0.18 16.40 -10.07
CA GLU A 255 -0.28 16.04 -11.51
C GLU A 255 -0.77 14.58 -11.60
N ILE A 256 -0.27 13.70 -10.74
CA ILE A 256 -0.69 12.27 -10.72
C ILE A 256 -2.17 12.21 -10.29
N THR A 257 -2.54 12.83 -9.17
CA THR A 257 -3.91 12.77 -8.61
C THR A 257 -4.92 13.25 -9.66
N PHE A 258 -4.69 14.41 -10.30
CA PHE A 258 -5.73 15.10 -11.10
C PHE A 258 -5.59 14.82 -12.60
N THR A 259 -4.48 14.25 -13.07
CA THR A 259 -4.28 13.98 -14.53
C THR A 259 -3.85 12.54 -14.82
N GLY A 260 -3.34 11.79 -13.82
CA GLY A 260 -2.94 10.38 -14.02
C GLY A 260 -4.09 9.58 -14.60
N HIS A 261 -3.90 8.89 -15.73
CA HIS A 261 -5.00 8.22 -16.45
C HIS A 261 -5.63 7.13 -15.58
N PHE A 262 -4.81 6.23 -15.03
CA PHE A 262 -5.31 5.13 -14.18
C PHE A 262 -5.88 5.73 -12.89
N LYS A 263 -5.14 6.65 -12.25
CA LYS A 263 -5.61 7.26 -10.98
C LYS A 263 -6.96 7.94 -11.17
N GLN A 264 -7.15 8.68 -12.29
CA GLN A 264 -8.43 9.36 -12.59
C GLN A 264 -9.54 8.30 -12.72
N ALA A 265 -9.25 7.15 -13.33
CA ALA A 265 -10.21 6.04 -13.46
C ALA A 265 -10.58 5.51 -12.08
N GLN A 266 -9.60 5.33 -11.18
CA GLN A 266 -9.83 4.87 -9.78
C GLN A 266 -10.73 5.89 -9.06
N ILE A 267 -10.46 7.18 -9.20
CA ILE A 267 -11.27 8.26 -8.55
C ILE A 267 -12.69 8.16 -9.10
N ALA A 268 -12.86 8.09 -10.42
CA ALA A 268 -14.17 8.13 -11.10
C ALA A 268 -15.01 6.94 -10.64
N PHE A 269 -14.39 5.78 -10.41
CA PHE A 269 -15.06 4.53 -9.98
C PHE A 269 -15.65 4.71 -8.58
N GLN A 270 -14.96 5.44 -7.70
CA GLN A 270 -15.46 5.76 -6.33
C GLN A 270 -16.50 6.89 -6.37
N GLY A 271 -16.40 7.81 -7.33
CA GLY A 271 -17.34 8.95 -7.50
C GLY A 271 -17.15 10.02 -6.44
N ASP A 272 -18.22 10.74 -6.11
CA ASP A 272 -18.23 11.99 -5.29
C ASP A 272 -17.63 11.76 -3.89
N ALA A 273 -17.80 10.58 -3.29
CA ALA A 273 -17.31 10.24 -1.94
C ALA A 273 -15.81 10.56 -1.84
N VAL A 274 -15.07 10.28 -2.91
CA VAL A 274 -13.60 10.56 -3.00
C VAL A 274 -13.36 11.89 -3.72
N ALA A 275 -13.97 12.09 -4.90
CA ALA A 275 -13.72 13.25 -5.80
C ALA A 275 -13.98 14.57 -5.04
N ASP A 276 -15.04 14.64 -4.23
CA ASP A 276 -15.40 15.86 -3.46
C ASP A 276 -14.29 16.19 -2.45
N VAL A 277 -13.68 15.17 -1.84
CA VAL A 277 -12.61 15.37 -0.81
C VAL A 277 -11.35 15.85 -1.53
N LEU A 278 -11.03 15.23 -2.67
CA LEU A 278 -9.83 15.62 -3.47
C LEU A 278 -10.00 17.06 -3.94
N GLU A 279 -11.17 17.42 -4.48
CA GLU A 279 -11.49 18.78 -4.96
C GLU A 279 -11.40 19.76 -3.78
N ALA A 280 -11.92 19.41 -2.60
CA ALA A 280 -11.88 20.29 -1.39
C ALA A 280 -10.42 20.53 -0.99
N GLY A 281 -9.59 19.48 -1.04
CA GLY A 281 -8.14 19.58 -0.75
C GLY A 281 -7.45 20.50 -1.74
N ARG A 282 -7.75 20.35 -3.04
CA ARG A 282 -7.21 21.20 -4.13
C ARG A 282 -7.59 22.66 -3.88
N ALA A 283 -8.84 22.95 -3.54
CA ALA A 283 -9.31 24.35 -3.34
C ALA A 283 -8.71 24.94 -2.05
N ALA A 284 -8.45 24.11 -1.03
CA ALA A 284 -8.04 24.55 0.32
C ALA A 284 -6.64 25.13 0.30
N PRO A 285 -6.42 26.41 0.67
CA PRO A 285 -5.06 26.93 0.77
C PRO A 285 -4.16 26.16 1.75
N SER A 286 -4.74 25.51 2.77
CA SER A 286 -3.98 24.77 3.83
C SER A 286 -3.43 23.42 3.31
N VAL A 287 -3.85 22.99 2.12
CA VAL A 287 -3.47 21.64 1.58
C VAL A 287 -2.63 21.83 0.31
N ASP A 288 -1.36 21.47 0.32
CA ASP A 288 -0.49 21.76 -0.85
C ASP A 288 -0.63 20.67 -1.90
N ALA A 289 -0.88 19.43 -1.48
CA ALA A 289 -1.08 18.31 -2.40
C ALA A 289 -1.97 17.27 -1.72
N ILE A 290 -2.77 16.57 -2.52
CA ILE A 290 -3.69 15.53 -2.00
C ILE A 290 -3.71 14.37 -3.00
N ALA A 291 -3.98 13.18 -2.49
CA ALA A 291 -3.84 11.90 -3.20
C ALA A 291 -4.84 10.88 -2.65
N LEU A 292 -5.32 10.00 -3.53
CA LEU A 292 -6.10 8.77 -3.18
C LEU A 292 -5.14 7.57 -3.17
N SER A 293 -5.05 6.84 -2.07
CA SER A 293 -4.25 5.58 -1.99
C SER A 293 -5.09 4.41 -2.53
N VAL A 294 -4.68 3.86 -3.68
CA VAL A 294 -5.36 2.77 -4.41
C VAL A 294 -6.76 3.29 -4.80
N THR A 295 -7.85 2.69 -4.28
CA THR A 295 -9.25 3.16 -4.53
CA THR A 295 -9.25 3.16 -4.53
C THR A 295 -9.84 3.69 -3.22
N GLY A 296 -9.01 3.83 -2.18
CA GLY A 296 -9.39 4.36 -0.87
C GLY A 296 -10.05 3.29 -0.02
N PRO A 297 -10.81 3.67 1.02
CA PRO A 297 -11.17 5.07 1.27
C PRO A 297 -10.08 6.03 1.76
N ALA A 298 -8.88 5.54 2.07
CA ALA A 298 -7.77 6.39 2.56
C ALA A 298 -7.33 7.37 1.47
N CYS A 299 -7.35 8.67 1.77
CA CYS A 299 -6.65 9.73 1.00
C CYS A 299 -5.52 10.28 1.89
N PHE A 300 -4.54 10.93 1.28
CA PHE A 300 -3.40 11.49 2.05
C PHE A 300 -2.99 12.82 1.41
N ALA A 301 -2.48 13.72 2.24
CA ALA A 301 -2.26 15.12 1.86
C ALA A 301 -0.97 15.64 2.48
N PHE A 302 -0.43 16.67 1.85
CA PHE A 302 0.85 17.31 2.27
C PHE A 302 0.57 18.80 2.42
N THR A 303 1.25 19.41 3.37
CA THR A 303 0.99 20.84 3.73
C THR A 303 2.22 21.46 4.38
N LYS A 304 2.51 22.71 4.03
CA LYS A 304 3.51 23.53 4.75
C LYS A 304 2.81 24.31 5.85
N ARG A 305 1.48 24.16 5.99
CA ARG A 305 0.66 24.81 7.03
C ARG A 305 -0.17 23.75 7.76
N PRO A 306 0.48 22.80 8.47
CA PRO A 306 -0.25 21.73 9.16
C PRO A 306 -1.29 22.27 10.15
N GLU A 307 -0.95 23.35 10.86
CA GLU A 307 -1.85 24.03 11.83
C GLU A 307 -3.18 24.39 11.13
N ASP A 308 -3.13 24.87 9.88
CA ASP A 308 -4.34 25.26 9.12
C ASP A 308 -5.04 24.01 8.56
N ALA A 309 -4.29 23.01 8.12
CA ALA A 309 -4.84 21.77 7.51
C ALA A 309 -5.58 20.99 8.61
N GLU A 310 -5.07 20.97 9.84
CA GLU A 310 -5.76 20.38 11.02
C GLU A 310 -7.16 20.96 11.15
N ARG A 311 -7.31 22.29 11.15
CA ARG A 311 -8.62 22.97 11.34
C ARG A 311 -9.54 22.65 10.15
N TRP A 312 -8.98 22.61 8.94
CA TRP A 312 -9.75 22.28 7.69
C TRP A 312 -10.30 20.86 7.79
N ALA A 313 -9.49 19.90 8.23
CA ALA A 313 -9.88 18.47 8.31
C ALA A 313 -10.91 18.29 9.43
N TRP A 314 -10.68 18.94 10.58
CA TRP A 314 -11.60 18.91 11.74
C TRP A 314 -13.00 19.36 11.31
N GLU A 315 -13.10 20.43 10.51
CA GLU A 315 -14.38 20.98 10.00
CA GLU A 315 -14.41 20.95 10.03
C GLU A 315 -15.01 19.95 9.04
N LEU A 316 -14.20 19.36 8.15
CA LEU A 316 -14.72 18.35 7.17
C LEU A 316 -15.32 17.16 7.93
N LYS A 317 -14.66 16.71 8.99
CA LYS A 317 -15.09 15.55 9.83
C LYS A 317 -16.38 15.93 10.56
N ASN A 318 -16.43 17.10 11.20
CA ASN A 318 -17.65 17.57 11.90
C ASN A 318 -18.83 17.62 10.91
N ARG A 319 -18.59 18.04 9.67
CA ARG A 319 -19.67 18.19 8.65
C ARG A 319 -20.05 16.82 8.08
N GLY A 320 -19.21 15.80 8.31
CA GLY A 320 -19.45 14.41 7.88
C GLY A 320 -19.02 14.14 6.44
N LEU A 321 -18.23 15.03 5.84
CA LEU A 321 -17.71 14.81 4.46
C LEU A 321 -16.57 13.79 4.52
N ILE A 322 -15.89 13.63 5.66
CA ILE A 322 -14.94 12.53 5.93
C ILE A 322 -15.33 11.82 7.23
N ARG A 323 -14.82 10.59 7.40
CA ARG A 323 -15.05 9.75 8.60
C ARG A 323 -14.03 10.15 9.67
N ASP A 324 -12.77 10.38 9.27
CA ASP A 324 -11.69 10.57 10.26
C ASP A 324 -10.51 11.25 9.57
N PHE A 325 -9.60 11.77 10.37
CA PHE A 325 -8.32 12.37 9.89
C PHE A 325 -7.31 12.26 11.03
N TRP A 326 -6.04 12.18 10.68
CA TRP A 326 -4.93 12.28 11.66
C TRP A 326 -3.67 12.65 10.90
N PHE A 327 -2.73 13.27 11.60
CA PHE A 327 -1.36 13.50 11.07
C PHE A 327 -0.51 12.30 11.48
N THR A 328 0.37 11.90 10.58
CA THR A 328 1.42 10.90 10.83
C THR A 328 2.71 11.38 10.14
N ARG A 329 3.75 10.58 10.28
CA ARG A 329 5.05 10.78 9.59
C ARG A 329 5.42 9.47 8.90
N ALA A 330 6.27 9.59 7.87
CA ALA A 330 6.82 8.45 7.14
C ALA A 330 7.58 7.57 8.12
N ASN A 331 7.60 6.28 7.83
CA ASN A 331 8.46 5.30 8.53
C ASN A 331 9.60 4.97 7.56
N ASN A 332 10.85 5.17 7.99
CA ASN A 332 12.06 5.05 7.14
C ASN A 332 12.85 3.79 7.50
N GLN A 333 12.25 2.83 8.22
CA GLN A 333 12.91 1.57 8.67
CA GLN A 333 12.95 1.56 8.60
C GLN A 333 12.15 0.34 8.13
N GLY A 334 10.81 0.40 8.16
CA GLY A 334 9.97 -0.79 7.90
C GLY A 334 9.62 -1.50 9.19
N LEU A 335 9.44 -2.82 9.17
CA LEU A 335 8.97 -3.52 10.39
C LEU A 335 10.11 -3.51 11.43
N ALA A 336 9.75 -3.55 12.71
CA ALA A 336 10.69 -3.72 13.85
C ALA A 336 10.12 -4.80 14.77
N THR A 337 11.00 -5.44 15.54
CA THR A 337 10.57 -6.50 16.49
CA THR A 337 10.66 -6.57 16.44
C THR A 337 11.34 -6.36 17.80
N THR A 338 10.64 -6.67 18.90
CA THR A 338 11.20 -6.80 20.27
C THR A 338 10.69 -8.12 20.85
N VAL A 339 11.53 -8.80 21.62
CA VAL A 339 11.13 -9.98 22.44
C VAL A 339 10.59 -9.45 23.78
N VAL A 340 9.38 -9.84 24.16
CA VAL A 340 8.68 -9.40 25.41
C VAL A 340 8.20 -10.66 26.17
N SER A 341 7.70 -10.48 27.40
CA SER A 341 7.12 -11.55 28.26
C SER A 341 5.93 -12.21 27.55
#